data_6A7U
#
_entry.id   6A7U
#
_cell.length_a   61.640
_cell.length_b   141.910
_cell.length_c   56.910
_cell.angle_alpha   90.00
_cell.angle_beta   90.00
_cell.angle_gamma   90.00
#
_symmetry.space_group_name_H-M   'C 2 2 21'
#
loop_
_entity.id
_entity.type
_entity.pdbx_description
1 polymer 'Histone H2B type 2-E,Histone H2A-Bbd type 2/3'
2 water water
#
_entity_poly.entity_id   1
_entity_poly.type   'polypeptide(L)'
_entity_poly.pdbx_seq_one_letter_code
;MPEPAKSAPAPKKGSKKAVTKAQKKDGKKRKRSRKESYSIYVYKVLKQVHPDTGISSKAMGIMNSFVNDIFERIAGEASR
LAHYNKRSTITSREIQTAVRLLLPGELAKHAVSEGTKAVTKYTSSKPRRRRRRGSSGAGGRGRTCSRTVRAELSFSVSQV
ERSLREGHYAQRLSRTAPVYLAAVIEYLTAKVLELAGNEAQNSGERNITPLLLDMVVHNDRLLSTLFNTTTISQVAPGED
;
_entity_poly.pdbx_strand_id   A
#
# COMPACT_ATOMS: atom_id res chain seq x y z
N SER A 37 -6.99 -12.95 -1.10
CA SER A 37 -7.53 -11.59 -0.94
C SER A 37 -6.77 -10.86 0.14
N TYR A 38 -6.85 -9.52 0.09
CA TYR A 38 -6.24 -8.62 1.05
C TYR A 38 -7.26 -7.86 1.89
N SER A 39 -8.49 -8.35 1.93
CA SER A 39 -9.58 -7.51 2.42
C SER A 39 -9.48 -7.24 3.92
N ILE A 40 -8.88 -8.17 4.66
CA ILE A 40 -8.78 -8.03 6.10
C ILE A 40 -7.89 -6.86 6.45
N TYR A 41 -6.81 -6.68 5.71
CA TYR A 41 -5.88 -5.59 6.02
C TYR A 41 -6.49 -4.24 5.71
N VAL A 42 -7.24 -4.15 4.61
CA VAL A 42 -7.97 -2.93 4.28
C VAL A 42 -8.90 -2.54 5.43
N TYR A 43 -9.77 -3.48 5.84
CA TYR A 43 -10.71 -3.21 6.94
C TYR A 43 -9.96 -2.80 8.19
N LYS A 44 -8.90 -3.54 8.54
CA LYS A 44 -8.13 -3.20 9.72
C LYS A 44 -7.52 -1.81 9.60
N VAL A 45 -7.09 -1.43 8.41
CA VAL A 45 -6.61 -0.07 8.19
C VAL A 45 -7.76 0.93 8.27
N LEU A 46 -8.96 0.52 7.84
CA LEU A 46 -10.09 1.44 7.91
C LEU A 46 -10.45 1.74 9.35
N LYS A 47 -10.33 0.74 10.22
CA LYS A 47 -10.65 0.90 11.64
C LYS A 47 -9.69 1.84 12.34
N GLN A 48 -8.51 2.05 11.76
CA GLN A 48 -7.52 2.93 12.37
C GLN A 48 -7.68 4.37 11.93
N VAL A 49 -8.02 4.60 10.66
CA VAL A 49 -8.22 5.98 10.23
C VAL A 49 -9.61 6.46 10.67
N HIS A 50 -10.56 5.54 10.79
CA HIS A 50 -11.93 5.87 11.17
C HIS A 50 -12.58 4.76 11.96
N PRO A 51 -12.48 4.83 13.30
CA PRO A 51 -12.95 3.75 14.17
C PRO A 51 -14.40 3.32 13.95
N ASP A 52 -15.30 4.23 13.57
CA ASP A 52 -16.73 3.95 13.53
C ASP A 52 -17.31 4.12 12.13
N THR A 53 -16.52 3.85 11.11
CA THR A 53 -16.98 3.97 9.74
C THR A 53 -16.84 2.63 9.03
N GLY A 54 -17.88 2.26 8.27
CA GLY A 54 -17.93 1.04 7.56
C GLY A 54 -17.79 1.25 6.06
N ILE A 55 -17.88 0.16 5.33
CA ILE A 55 -17.64 0.24 3.90
C ILE A 55 -18.53 -0.78 3.18
N SER A 56 -19.28 -0.29 2.18
CA SER A 56 -20.07 -1.13 1.29
C SER A 56 -19.19 -2.21 0.65
N SER A 57 -19.83 -3.29 0.24
CA SER A 57 -19.08 -4.51 -0.08
C SER A 57 -18.37 -4.38 -1.41
N LYS A 58 -18.92 -3.62 -2.34
CA LYS A 58 -18.17 -3.45 -3.56
C LYS A 58 -17.26 -2.24 -3.51
N ALA A 59 -17.50 -1.28 -2.61
CA ALA A 59 -16.48 -0.28 -2.34
C ALA A 59 -15.22 -0.95 -1.83
N MET A 60 -15.39 -2.09 -1.16
CA MET A 60 -14.28 -2.87 -0.66
C MET A 60 -13.58 -3.63 -1.78
N GLY A 61 -14.36 -4.28 -2.64
CA GLY A 61 -13.80 -4.83 -3.86
C GLY A 61 -13.01 -3.80 -4.63
N ILE A 62 -13.55 -2.58 -4.74
CA ILE A 62 -12.79 -1.48 -5.33
C ILE A 62 -11.46 -1.30 -4.61
N MET A 63 -11.48 -1.37 -3.26
CA MET A 63 -10.23 -1.20 -2.50
C MET A 63 -9.28 -2.37 -2.73
N ASN A 64 -9.82 -3.58 -2.84
CA ASN A 64 -8.99 -4.74 -3.13
C ASN A 64 -8.40 -4.67 -4.52
N SER A 65 -9.15 -4.12 -5.48
CA SER A 65 -8.60 -3.93 -6.82
C SER A 65 -7.46 -2.93 -6.81
N PHE A 66 -7.63 -1.82 -6.10
CA PHE A 66 -6.58 -0.81 -6.00
C PHE A 66 -5.31 -1.40 -5.40
N VAL A 67 -5.45 -2.17 -4.31
CA VAL A 67 -4.28 -2.78 -3.66
C VAL A 67 -3.52 -3.63 -4.68
N ASN A 68 -4.23 -4.49 -5.40
CA ASN A 68 -3.57 -5.45 -6.29
C ASN A 68 -2.98 -4.75 -7.51
N ASP A 69 -3.66 -3.74 -8.05
CA ASP A 69 -3.06 -2.91 -9.09
C ASP A 69 -1.75 -2.29 -8.60
N ILE A 70 -1.81 -1.58 -7.47
CA ILE A 70 -0.64 -0.82 -6.98
C ILE A 70 0.48 -1.75 -6.56
N PHE A 71 0.12 -2.95 -6.11
CA PHE A 71 1.12 -3.99 -5.82
C PHE A 71 1.77 -4.48 -7.11
N GLU A 72 0.94 -4.83 -8.10
CA GLU A 72 1.49 -5.29 -9.39
C GLU A 72 2.40 -4.26 -10.00
N ARG A 73 1.99 -2.99 -10.00
CA ARG A 73 2.79 -1.95 -10.62
C ARG A 73 4.17 -1.82 -9.95
N ILE A 74 4.19 -1.50 -8.64
CA ILE A 74 5.44 -1.32 -7.90
C ILE A 74 6.32 -2.57 -7.98
N ALA A 75 5.72 -3.75 -7.80
CA ALA A 75 6.54 -4.96 -7.70
C ALA A 75 7.08 -5.37 -9.06
N GLY A 76 6.33 -5.12 -10.13
CA GLY A 76 6.88 -5.30 -11.48
C GLY A 76 7.99 -4.32 -11.78
N GLU A 77 7.86 -3.08 -11.31
CA GLU A 77 8.85 -2.07 -11.64
C GLU A 77 10.16 -2.34 -10.92
N ALA A 78 10.09 -2.75 -9.66
CA ALA A 78 11.31 -3.16 -8.96
C ALA A 78 11.89 -4.45 -9.54
N SER A 79 11.03 -5.31 -10.10
CA SER A 79 11.53 -6.51 -10.79
C SER A 79 12.38 -6.12 -11.97
N ARG A 80 11.92 -5.15 -12.75
CA ARG A 80 12.67 -4.67 -13.91
C ARG A 80 13.94 -3.96 -13.47
N LEU A 81 13.83 -3.08 -12.48
CA LEU A 81 15.04 -2.50 -11.90
C LEU A 81 16.04 -3.58 -11.56
N ALA A 82 15.57 -4.62 -10.84
CA ALA A 82 16.48 -5.69 -10.40
C ALA A 82 17.18 -6.36 -11.58
N HIS A 83 16.47 -6.53 -12.69
CA HIS A 83 17.09 -7.10 -13.89
C HIS A 83 17.54 -6.01 -14.87
N TYR A 84 17.39 -4.73 -14.53
CA TYR A 84 17.98 -3.65 -15.31
C TYR A 84 19.49 -3.56 -15.12
N ASN A 85 19.95 -3.43 -13.86
CA ASN A 85 21.23 -4.03 -13.55
C ASN A 85 21.02 -5.55 -13.52
N LYS A 86 22.07 -6.35 -13.41
CA LYS A 86 21.77 -7.77 -13.38
C LYS A 86 21.71 -8.33 -11.98
N ARG A 87 21.33 -7.52 -11.00
CA ARG A 87 21.17 -7.98 -9.62
C ARG A 87 20.07 -9.04 -9.53
N SER A 88 20.32 -10.05 -8.70
CA SER A 88 19.32 -11.09 -8.47
C SER A 88 18.20 -10.62 -7.56
N THR A 89 18.50 -9.66 -6.67
CA THR A 89 17.65 -9.35 -5.53
C THR A 89 16.83 -8.10 -5.79
N ILE A 90 15.53 -8.19 -5.56
CA ILE A 90 14.70 -7.01 -5.30
C ILE A 90 14.84 -6.70 -3.82
N THR A 91 15.41 -5.54 -3.51
CA THR A 91 15.60 -5.13 -2.12
C THR A 91 14.82 -3.85 -1.87
N SER A 92 14.97 -3.29 -0.67
CA SER A 92 14.12 -2.18 -0.29
C SER A 92 14.31 -1.02 -1.25
N ARG A 93 15.49 -0.95 -1.84
CA ARG A 93 15.76 0.21 -2.64
C ARG A 93 15.23 0.10 -4.05
N GLU A 94 15.00 -1.12 -4.51
CA GLU A 94 14.30 -1.31 -5.77
C GLU A 94 12.84 -0.90 -5.63
N ILE A 95 12.21 -1.37 -4.55
CA ILE A 95 10.87 -0.89 -4.18
C ILE A 95 10.85 0.64 -4.14
N GLN A 96 11.78 1.22 -3.37
CA GLN A 96 11.80 2.67 -3.18
C GLN A 96 11.89 3.40 -4.52
N THR A 97 12.84 2.99 -5.37
CA THR A 97 12.93 3.60 -6.69
C THR A 97 11.66 3.37 -7.50
N ALA A 98 11.09 2.16 -7.42
CA ALA A 98 9.81 1.93 -8.09
C ALA A 98 8.78 2.93 -7.57
N VAL A 99 8.70 3.10 -6.24
CA VAL A 99 7.79 4.07 -5.63
C VAL A 99 7.99 5.47 -6.21
N ARG A 100 9.21 6.01 -6.10
CA ARG A 100 9.43 7.32 -6.70
C ARG A 100 9.28 7.26 -8.21
N LEU A 101 9.32 6.06 -8.81
CA LEU A 101 9.00 5.95 -10.24
C LEU A 101 7.52 5.82 -10.57
N LEU A 102 6.64 5.71 -9.59
CA LEU A 102 5.24 5.55 -9.98
C LEU A 102 4.32 6.60 -9.39
N LEU A 103 4.67 7.17 -8.22
CA LEU A 103 3.74 8.04 -7.52
C LEU A 103 4.11 9.51 -7.72
N PRO A 104 3.10 10.40 -7.61
CA PRO A 104 3.22 11.77 -8.14
C PRO A 104 4.19 12.68 -7.40
N GLY A 105 4.95 12.12 -6.47
CA GLY A 105 6.06 12.82 -5.85
C GLY A 105 6.08 13.85 -4.75
N GLU A 106 4.91 14.32 -4.32
CA GLU A 106 4.45 14.68 -2.99
C GLU A 106 3.84 13.49 -2.30
N LEU A 107 3.09 12.68 -3.05
CA LEU A 107 2.59 11.40 -2.56
C LEU A 107 3.72 10.40 -2.41
N ALA A 108 4.63 10.36 -3.40
CA ALA A 108 5.79 9.49 -3.32
C ALA A 108 6.64 9.82 -2.10
N LYS A 109 6.81 11.12 -1.82
CA LYS A 109 7.57 11.53 -0.63
C LYS A 109 7.01 10.89 0.62
N HIS A 110 5.72 11.08 0.89
CA HIS A 110 5.17 10.49 2.10
C HIS A 110 5.24 8.98 2.06
N ALA A 111 5.04 8.38 0.88
CA ALA A 111 5.13 6.93 0.76
C ALA A 111 6.55 6.42 1.06
N VAL A 112 7.57 7.03 0.45
CA VAL A 112 8.93 6.59 0.75
C VAL A 112 9.25 6.89 2.21
N SER A 113 8.74 8.02 2.73
CA SER A 113 8.91 8.29 4.14
C SER A 113 8.30 7.18 5.01
N GLU A 114 7.12 6.69 4.63
CA GLU A 114 6.43 5.63 5.39
C GLU A 114 7.17 4.30 5.28
N GLY A 115 7.66 3.97 4.09
CA GLY A 115 8.33 2.68 3.92
C GLY A 115 9.67 2.65 4.61
N THR A 116 10.33 3.81 4.69
CA THR A 116 11.56 3.93 5.44
C THR A 116 11.33 3.83 6.95
N LYS A 117 10.24 4.42 7.44
CA LYS A 117 9.89 4.23 8.84
C LYS A 117 9.71 2.76 9.16
N ALA A 118 8.89 2.06 8.37
CA ALA A 118 8.64 0.64 8.63
C ALA A 118 9.93 -0.16 8.64
N VAL A 119 10.93 0.26 7.87
CA VAL A 119 12.16 -0.53 7.78
C VAL A 119 13.00 -0.34 9.02
N THR A 120 13.33 0.91 9.34
CA THR A 120 14.14 1.20 10.53
C THR A 120 13.45 0.71 11.80
N LYS A 121 12.12 0.84 11.87
CA LYS A 121 11.38 0.37 13.02
C LYS A 121 11.29 -1.14 13.07
N TYR A 122 11.60 -1.83 11.99
CA TYR A 122 11.66 -3.28 11.98
C TYR A 122 13.05 -3.79 12.33
N THR A 123 14.08 -3.03 11.94
CA THR A 123 15.45 -3.40 12.27
C THR A 123 15.69 -3.33 13.78
N SER A 124 15.27 -2.24 14.41
CA SER A 124 15.51 -2.04 15.84
C SER A 124 15.19 -3.30 16.64
N SER A 125 14.04 -3.91 16.37
CA SER A 125 13.74 -5.14 17.05
C SER A 125 14.67 -6.27 16.60
N SER A 146 5.53 -11.44 16.04
CA SER A 146 6.31 -10.31 15.55
C SER A 146 6.15 -10.11 14.04
N ARG A 147 7.26 -10.03 13.31
CA ARG A 147 7.30 -9.93 11.85
C ARG A 147 6.52 -8.64 11.61
N THR A 148 5.39 -8.74 10.90
CA THR A 148 4.55 -7.56 10.68
C THR A 148 4.57 -6.63 11.88
N VAL A 149 4.33 -7.19 13.07
CA VAL A 149 4.15 -6.38 14.29
C VAL A 149 5.35 -5.46 14.51
N ARG A 150 6.57 -5.99 14.35
CA ARG A 150 7.75 -5.16 14.59
C ARG A 150 7.82 -4.00 13.63
N ALA A 151 7.23 -4.16 12.43
CA ALA A 151 7.18 -3.07 11.47
C ALA A 151 6.07 -2.09 11.77
N GLU A 152 5.16 -2.46 12.68
CA GLU A 152 4.07 -1.59 13.15
C GLU A 152 3.08 -1.27 12.02
N LEU A 153 2.70 -2.31 11.30
CA LEU A 153 1.71 -2.20 10.23
C LEU A 153 0.64 -3.25 10.42
N SER A 154 -0.46 -3.04 9.71
CA SER A 154 -1.58 -3.95 9.65
C SER A 154 -1.57 -4.83 8.42
N PHE A 155 -0.98 -4.36 7.31
CA PHE A 155 -0.78 -5.20 6.14
C PHE A 155 0.33 -6.21 6.42
N SER A 156 0.00 -7.49 6.30
CA SER A 156 0.88 -8.60 6.71
C SER A 156 2.16 -8.61 5.89
N VAL A 157 3.30 -8.49 6.57
CA VAL A 157 4.58 -8.57 5.86
C VAL A 157 4.75 -9.95 5.22
N SER A 158 4.42 -11.00 5.98
CA SER A 158 4.63 -12.35 5.49
C SER A 158 3.80 -12.63 4.24
N GLN A 159 2.58 -12.12 4.20
CA GLN A 159 1.70 -12.39 3.07
C GLN A 159 2.13 -11.58 1.85
N VAL A 160 2.59 -10.36 2.06
CA VAL A 160 3.07 -9.53 0.97
C VAL A 160 4.31 -10.16 0.34
N GLU A 161 5.21 -10.71 1.17
CA GLU A 161 6.39 -11.36 0.62
C GLU A 161 6.02 -12.65 -0.10
N ARG A 162 4.98 -13.31 0.37
CA ARG A 162 4.54 -14.55 -0.27
C ARG A 162 3.91 -14.26 -1.63
N SER A 163 3.14 -13.17 -1.73
CA SER A 163 2.67 -12.73 -3.04
C SER A 163 3.84 -12.32 -3.95
N LEU A 164 4.89 -11.73 -3.39
CA LEU A 164 6.03 -11.30 -4.20
C LEU A 164 6.70 -12.50 -4.85
N ARG A 165 6.88 -13.56 -4.09
CA ARG A 165 7.66 -14.68 -4.60
C ARG A 165 6.83 -15.67 -5.41
N GLU A 166 5.51 -15.73 -5.18
CA GLU A 166 4.69 -16.49 -6.12
C GLU A 166 4.43 -15.73 -7.41
N GLY A 167 4.89 -14.48 -7.48
CA GLY A 167 4.98 -13.78 -8.74
C GLY A 167 6.30 -13.94 -9.46
N HIS A 168 7.26 -14.65 -8.85
CA HIS A 168 8.59 -14.90 -9.46
C HIS A 168 9.26 -13.60 -9.89
N TYR A 169 9.05 -12.52 -9.12
CA TYR A 169 9.50 -11.19 -9.53
C TYR A 169 11.01 -11.09 -9.68
N ALA A 170 11.77 -11.98 -9.05
CA ALA A 170 13.23 -11.99 -9.13
C ALA A 170 13.70 -13.31 -8.55
N GLN A 171 15.03 -13.47 -8.47
CA GLN A 171 15.61 -14.59 -7.77
C GLN A 171 15.26 -14.71 -6.29
N ARG A 172 15.69 -13.73 -5.50
CA ARG A 172 15.35 -13.67 -4.09
C ARG A 172 15.26 -12.22 -3.63
N LEU A 173 14.68 -12.03 -2.46
CA LEU A 173 14.37 -10.72 -1.91
C LEU A 173 15.00 -10.59 -0.53
N SER A 174 15.38 -9.37 -0.18
CA SER A 174 15.70 -9.10 1.21
C SER A 174 14.45 -9.20 2.06
N ARG A 175 14.59 -9.70 3.29
CA ARG A 175 13.48 -9.67 4.22
C ARG A 175 13.06 -8.21 4.50
N THR A 176 13.91 -7.24 4.23
CA THR A 176 13.50 -5.85 4.41
C THR A 176 12.72 -5.30 3.20
N ALA A 177 12.40 -6.12 2.18
CA ALA A 177 11.71 -5.59 0.99
C ALA A 177 10.19 -5.68 1.13
N PRO A 178 9.61 -6.81 1.54
CA PRO A 178 8.15 -6.83 1.76
C PRO A 178 7.71 -5.93 2.90
N VAL A 179 8.59 -5.59 3.84
CA VAL A 179 8.16 -4.65 4.86
C VAL A 179 7.99 -3.28 4.22
N TYR A 180 8.99 -2.85 3.45
CA TYR A 180 8.88 -1.59 2.74
C TYR A 180 7.64 -1.56 1.86
N LEU A 181 7.35 -2.67 1.15
CA LEU A 181 6.23 -2.67 0.20
C LEU A 181 4.89 -2.73 0.93
N ALA A 182 4.82 -3.47 2.04
CA ALA A 182 3.61 -3.43 2.85
C ALA A 182 3.39 -2.05 3.47
N ALA A 183 4.47 -1.38 3.87
CA ALA A 183 4.33 -0.03 4.38
C ALA A 183 3.75 0.92 3.34
N VAL A 184 4.23 0.81 2.10
CA VAL A 184 3.80 1.73 1.05
C VAL A 184 2.33 1.52 0.74
N ILE A 185 1.95 0.25 0.54
CA ILE A 185 0.57 -0.09 0.21
C ILE A 185 -0.37 0.31 1.35
N GLU A 186 0.02 -0.03 2.59
CA GLU A 186 -0.74 0.40 3.76
C GLU A 186 -0.90 1.91 3.78
N TYR A 187 0.11 2.65 3.30
CA TYR A 187 0.00 4.10 3.36
C TYR A 187 -1.03 4.62 2.34
N LEU A 188 -0.92 4.22 1.08
CA LEU A 188 -1.91 4.63 0.09
C LEU A 188 -3.30 4.10 0.44
N THR A 189 -3.39 2.86 0.90
CA THR A 189 -4.69 2.38 1.38
C THR A 189 -5.23 3.28 2.49
N ALA A 190 -4.39 3.64 3.47
CA ALA A 190 -4.85 4.53 4.53
C ALA A 190 -5.19 5.93 4.02
N LYS A 191 -4.54 6.39 2.94
CA LYS A 191 -4.88 7.70 2.40
C LYS A 191 -6.26 7.66 1.73
N VAL A 192 -6.50 6.65 0.90
CA VAL A 192 -7.80 6.54 0.23
C VAL A 192 -8.91 6.40 1.27
N LEU A 193 -8.73 5.50 2.24
CA LEU A 193 -9.76 5.27 3.25
C LEU A 193 -9.93 6.50 4.13
N GLU A 194 -8.84 7.26 4.36
CA GLU A 194 -8.87 8.46 5.22
C GLU A 194 -9.75 9.54 4.63
N LEU A 195 -9.43 9.95 3.41
CA LEU A 195 -10.20 10.99 2.73
C LEU A 195 -11.63 10.54 2.50
N ALA A 196 -11.83 9.38 1.88
CA ALA A 196 -13.17 8.84 1.66
C ALA A 196 -13.97 8.81 2.94
N GLY A 197 -13.39 8.24 4.01
CA GLY A 197 -14.09 8.19 5.29
C GLY A 197 -14.47 9.58 5.76
N ASN A 198 -13.65 10.57 5.40
CA ASN A 198 -13.94 11.95 5.75
C ASN A 198 -15.13 12.50 4.98
N GLU A 199 -15.13 12.37 3.64
CA GLU A 199 -16.28 12.78 2.82
C GLU A 199 -17.57 12.08 3.27
N ALA A 200 -17.44 10.87 3.80
CA ALA A 200 -18.63 10.22 4.35
C ALA A 200 -19.11 11.00 5.57
N GLN A 201 -18.18 11.34 6.46
CA GLN A 201 -18.57 12.04 7.70
C GLN A 201 -19.05 13.45 7.38
N ASN A 202 -18.48 14.07 6.34
CA ASN A 202 -18.96 15.38 5.89
C ASN A 202 -20.39 15.33 5.38
N SER A 203 -20.82 14.21 4.78
CA SER A 203 -22.15 14.07 4.25
C SER A 203 -23.11 13.36 5.21
N GLY A 204 -22.71 13.17 6.46
CA GLY A 204 -23.56 12.54 7.47
C GLY A 204 -23.84 11.05 7.33
N GLU A 205 -22.87 10.27 6.82
CA GLU A 205 -23.05 8.84 6.59
C GLU A 205 -21.98 8.04 7.32
N ARG A 206 -22.35 6.84 7.74
CA ARG A 206 -21.45 6.02 8.53
C ARG A 206 -20.62 5.05 7.70
N ASN A 207 -20.87 4.97 6.39
CA ASN A 207 -20.24 3.96 5.55
C ASN A 207 -19.68 4.59 4.30
N ILE A 208 -18.47 4.15 3.94
CA ILE A 208 -17.89 4.46 2.65
C ILE A 208 -18.62 3.63 1.58
N THR A 209 -19.39 4.32 0.71
CA THR A 209 -20.02 3.76 -0.47
C THR A 209 -19.04 3.76 -1.63
N PRO A 210 -19.28 2.91 -2.65
CA PRO A 210 -18.37 2.92 -3.81
C PRO A 210 -18.31 4.27 -4.54
N LEU A 211 -19.41 5.02 -4.60
CA LEU A 211 -19.37 6.27 -5.37
C LEU A 211 -18.61 7.36 -4.62
N LEU A 212 -18.63 7.32 -3.28
CA LEU A 212 -17.78 8.19 -2.47
C LEU A 212 -16.33 7.89 -2.69
N LEU A 213 -16.00 6.61 -2.80
CA LEU A 213 -14.65 6.20 -3.07
C LEU A 213 -14.16 6.86 -4.35
N ASP A 214 -14.98 6.77 -5.40
CA ASP A 214 -14.53 7.23 -6.71
C ASP A 214 -14.53 8.74 -6.80
N MET A 215 -15.44 9.43 -6.10
CA MET A 215 -15.34 10.89 -6.12
C MET A 215 -14.19 11.35 -5.23
N VAL A 216 -13.66 10.47 -4.39
CA VAL A 216 -12.48 10.81 -3.61
C VAL A 216 -11.19 10.47 -4.35
N VAL A 217 -11.12 9.34 -5.08
CA VAL A 217 -9.85 9.00 -5.74
C VAL A 217 -9.62 9.89 -6.95
N HIS A 218 -10.64 10.09 -7.79
CA HIS A 218 -10.74 11.25 -8.65
C HIS A 218 -10.90 12.46 -7.72
N ASN A 219 -10.98 13.67 -8.27
CA ASN A 219 -11.23 14.86 -7.45
C ASN A 219 -10.17 15.04 -6.35
N ASP A 220 -9.03 14.36 -6.50
CA ASP A 220 -7.86 14.62 -5.67
C ASP A 220 -6.65 14.58 -6.60
N ARG A 221 -5.98 15.75 -6.69
CA ARG A 221 -4.71 15.92 -7.42
C ARG A 221 -3.81 14.71 -7.62
N LEU A 222 -3.36 14.11 -6.55
CA LEU A 222 -2.39 13.02 -6.64
C LEU A 222 -3.14 11.71 -6.87
N LEU A 223 -4.08 11.37 -5.98
CA LEU A 223 -4.75 10.07 -6.06
C LEU A 223 -5.35 9.81 -7.44
N SER A 224 -5.81 10.85 -8.14
CA SER A 224 -6.34 10.65 -9.50
C SER A 224 -5.30 10.07 -10.45
N THR A 225 -4.01 10.24 -10.13
CA THR A 225 -2.91 9.62 -10.85
C THR A 225 -2.91 8.10 -10.70
N LEU A 226 -3.78 7.54 -9.85
CA LEU A 226 -3.72 6.14 -9.49
C LEU A 226 -5.07 5.44 -9.53
#